data_2KCR
#
_entry.id   2KCR
#
_entity_poly.entity_id   1
_entity_poly.type   'polypeptide(L)'
_entity_poly.pdbx_seq_one_letter_code
;PAQDYRCQLSRNYGKGSGSFTNYYYDKATSSCKTFRYRGSGGNGNRFKTLEDCEATCVTAE
;
_entity_poly.pdbx_strand_id   A
#
# COMPACT_ATOMS: atom_id res chain seq x y z
N PRO A 1 1.69 6.93 13.25
CA PRO A 1 1.79 6.10 12.04
C PRO A 1 1.03 4.78 12.23
N ALA A 2 -0.16 4.89 12.82
CA ALA A 2 -0.95 3.72 13.20
C ALA A 2 -2.28 4.15 13.81
N GLN A 3 -2.92 5.12 13.17
CA GLN A 3 -4.22 5.60 13.61
C GLN A 3 -5.23 4.46 13.59
N ASP A 4 -5.10 3.64 12.56
CA ASP A 4 -5.95 2.48 12.37
C ASP A 4 -5.22 1.45 11.53
N TYR A 5 -5.83 0.28 11.37
CA TYR A 5 -5.25 -0.77 10.56
C TYR A 5 -5.17 -0.38 9.09
N ARG A 6 -5.89 0.67 8.72
CA ARG A 6 -5.78 1.23 7.37
C ARG A 6 -4.39 1.82 7.13
N CYS A 7 -3.65 2.01 8.21
CA CYS A 7 -2.27 2.48 8.13
C CYS A 7 -1.33 1.27 8.29
N GLN A 8 -1.94 0.09 8.39
CA GLN A 8 -1.20 -1.16 8.52
C GLN A 8 -1.57 -2.09 7.37
N LEU A 9 -2.47 -3.02 7.68
CA LEU A 9 -2.95 -4.05 6.74
C LEU A 9 -1.80 -4.79 6.06
N SER A 10 -2.11 -5.48 4.97
CA SER A 10 -1.12 -6.23 4.25
C SER A 10 -0.66 -5.47 3.01
N ARG A 11 0.52 -5.82 2.53
CA ARG A 11 1.05 -5.25 1.29
C ARG A 11 1.14 -6.33 0.23
N ASN A 12 1.22 -7.57 0.73
CA ASN A 12 1.40 -8.76 -0.10
C ASN A 12 2.78 -8.71 -0.75
N TYR A 13 2.85 -8.13 -1.94
CA TYR A 13 4.12 -7.87 -2.59
C TYR A 13 3.89 -7.16 -3.90
N GLY A 14 3.39 -7.88 -4.86
CA GLY A 14 3.03 -7.28 -6.11
C GLY A 14 3.86 -7.78 -7.27
N LYS A 15 3.95 -9.10 -7.42
CA LYS A 15 4.66 -9.69 -8.56
C LYS A 15 4.12 -9.12 -9.86
N GLY A 16 2.91 -9.53 -10.14
CA GLY A 16 2.22 -9.03 -11.29
C GLY A 16 1.79 -10.12 -12.23
N SER A 17 0.49 -10.26 -12.44
CA SER A 17 -0.03 -11.17 -13.43
C SER A 17 -0.57 -10.36 -14.61
N GLY A 18 -1.27 -9.29 -14.29
CA GLY A 18 -1.72 -8.35 -15.29
C GLY A 18 -1.12 -6.97 -15.06
N SER A 19 -0.62 -6.76 -13.84
CA SER A 19 0.02 -5.50 -13.40
C SER A 19 -0.87 -4.28 -13.59
N PHE A 20 -1.24 -3.69 -12.46
CA PHE A 20 -2.03 -2.48 -12.44
C PHE A 20 -1.15 -1.31 -12.02
N THR A 21 -0.31 -1.59 -11.04
CA THR A 21 0.58 -0.60 -10.45
C THR A 21 -0.20 0.41 -9.65
N ASN A 22 -0.21 0.16 -8.37
CA ASN A 22 -0.80 1.05 -7.39
C ASN A 22 0.23 1.22 -6.31
N TYR A 23 -0.07 1.99 -5.29
CA TYR A 23 0.86 2.16 -4.20
C TYR A 23 0.41 1.31 -3.02
N TYR A 24 1.33 1.06 -2.11
CA TYR A 24 1.03 0.41 -0.86
C TYR A 24 1.95 0.99 0.20
N TYR A 25 1.51 1.00 1.44
CA TYR A 25 2.32 1.55 2.50
C TYR A 25 3.25 0.49 3.06
N ASP A 26 4.52 0.62 2.70
CA ASP A 26 5.53 -0.32 3.12
C ASP A 26 6.02 0.03 4.53
N LYS A 27 5.72 -0.84 5.48
CA LYS A 27 6.09 -0.58 6.87
C LYS A 27 7.51 -1.03 7.19
N ALA A 28 8.33 -1.19 6.17
CA ALA A 28 9.75 -1.41 6.37
C ALA A 28 10.49 -0.10 6.17
N THR A 29 9.84 0.81 5.45
CA THR A 29 10.37 2.16 5.23
C THR A 29 9.41 3.19 5.81
N SER A 30 8.26 2.70 6.28
CA SER A 30 7.21 3.54 6.85
C SER A 30 6.77 4.62 5.87
N SER A 31 6.69 4.25 4.60
CA SER A 31 6.26 5.16 3.56
C SER A 31 5.59 4.40 2.42
N CYS A 32 4.87 5.13 1.59
CA CYS A 32 4.09 4.53 0.51
C CYS A 32 4.93 4.37 -0.76
N LYS A 33 4.96 3.17 -1.30
CA LYS A 33 5.65 2.91 -2.56
C LYS A 33 4.70 2.12 -3.45
N THR A 34 5.13 1.78 -4.65
CA THR A 34 4.23 1.15 -5.60
C THR A 34 4.43 -0.35 -5.70
N PHE A 35 3.48 -0.98 -6.39
CA PHE A 35 3.50 -2.40 -6.64
C PHE A 35 2.48 -2.70 -7.70
N ARG A 36 2.78 -3.69 -8.51
CA ARG A 36 1.95 -4.08 -9.62
C ARG A 36 0.55 -4.46 -9.17
N TYR A 37 0.42 -4.74 -7.87
CA TYR A 37 -0.84 -5.18 -7.25
C TYR A 37 -1.19 -6.61 -7.69
N ARG A 38 -0.44 -7.11 -8.67
CA ARG A 38 -0.65 -8.41 -9.29
C ARG A 38 -1.82 -8.37 -10.24
N GLY A 39 -2.99 -8.11 -9.69
CA GLY A 39 -4.22 -8.19 -10.46
C GLY A 39 -5.01 -9.43 -10.07
N SER A 40 -4.37 -10.58 -10.22
CA SER A 40 -4.98 -11.84 -9.86
C SER A 40 -4.35 -12.36 -8.58
N GLY A 41 -4.63 -11.67 -7.50
CA GLY A 41 -4.15 -12.10 -6.19
C GLY A 41 -3.47 -11.00 -5.42
N GLY A 42 -4.00 -9.79 -5.56
CA GLY A 42 -3.44 -8.65 -4.86
C GLY A 42 -4.04 -8.52 -3.48
N ASN A 43 -3.46 -9.22 -2.52
CA ASN A 43 -4.00 -9.26 -1.18
C ASN A 43 -3.30 -8.22 -0.31
N GLY A 44 -3.51 -6.96 -0.65
CA GLY A 44 -2.88 -5.89 0.08
C GLY A 44 -3.75 -4.65 0.15
N ASN A 45 -3.32 -3.70 0.97
CA ASN A 45 -4.03 -2.45 1.12
C ASN A 45 -3.67 -1.53 -0.05
N ARG A 46 -4.39 -1.71 -1.15
CA ARG A 46 -4.12 -0.96 -2.38
C ARG A 46 -4.37 0.53 -2.19
N PHE A 47 -3.44 1.32 -2.72
CA PHE A 47 -3.55 2.77 -2.73
C PHE A 47 -3.36 3.27 -4.15
N LYS A 48 -4.33 4.04 -4.64
CA LYS A 48 -4.26 4.56 -6.01
C LYS A 48 -3.07 5.49 -6.17
N THR A 49 -2.84 6.33 -5.17
CA THR A 49 -1.71 7.25 -5.17
C THR A 49 -1.04 7.26 -3.80
N LEU A 50 0.19 7.73 -3.75
CA LEU A 50 0.93 7.80 -2.49
C LEU A 50 0.48 9.01 -1.73
N GLU A 51 0.02 10.02 -2.45
CA GLU A 51 -0.51 11.23 -1.82
C GLU A 51 -1.80 10.93 -1.07
N ASP A 52 -2.53 9.93 -1.56
CA ASP A 52 -3.72 9.43 -0.87
C ASP A 52 -3.29 8.58 0.31
N CYS A 53 -2.38 7.66 0.03
CA CYS A 53 -1.81 6.77 1.01
C CYS A 53 -1.18 7.55 2.16
N GLU A 54 -0.36 8.54 1.82
CA GLU A 54 0.34 9.33 2.82
C GLU A 54 -0.63 10.18 3.59
N ALA A 55 -1.69 10.62 2.91
CA ALA A 55 -2.70 11.44 3.56
C ALA A 55 -3.17 10.73 4.82
N THR A 56 -3.83 9.61 4.65
CA THR A 56 -4.34 8.86 5.78
C THR A 56 -3.21 8.36 6.68
N CYS A 57 -2.29 7.60 6.13
CA CYS A 57 -1.36 6.86 6.96
C CYS A 57 -0.26 7.79 7.50
N VAL A 58 0.42 8.47 6.59
CA VAL A 58 1.59 9.26 6.95
C VAL A 58 1.23 10.56 7.67
N THR A 59 0.17 11.26 7.23
CA THR A 59 -0.10 12.58 7.80
C THR A 59 -1.15 12.56 8.91
N ALA A 60 -2.08 11.62 8.86
CA ALA A 60 -3.03 11.49 9.95
C ALA A 60 -2.37 10.79 11.13
N GLU A 61 -1.34 10.00 10.83
CA GLU A 61 -0.47 9.41 11.83
C GLU A 61 -1.20 8.48 12.79
N PRO A 1 0.57 3.32 13.78
CA PRO A 1 -0.72 2.77 13.26
C PRO A 1 -1.89 3.29 14.09
N ALA A 2 -1.88 4.58 14.38
CA ALA A 2 -2.95 5.19 15.16
C ALA A 2 -4.12 5.54 14.24
N GLN A 3 -3.86 5.55 12.94
CA GLN A 3 -4.91 5.64 11.94
C GLN A 3 -5.93 4.54 12.16
N ASP A 4 -5.47 3.35 11.84
CA ASP A 4 -6.23 2.12 11.83
C ASP A 4 -5.35 1.08 11.20
N TYR A 5 -5.85 -0.11 11.00
CA TYR A 5 -5.08 -1.14 10.33
C TYR A 5 -4.96 -0.83 8.85
N ARG A 6 -5.71 0.18 8.39
CA ARG A 6 -5.64 0.62 7.01
C ARG A 6 -4.37 1.42 6.73
N CYS A 7 -3.64 1.79 7.78
CA CYS A 7 -2.34 2.44 7.62
C CYS A 7 -1.24 1.37 7.60
N GLN A 8 -1.62 0.14 7.22
CA GLN A 8 -0.67 -0.95 7.08
C GLN A 8 -1.28 -2.13 6.33
N LEU A 9 -2.28 -2.76 6.94
CA LEU A 9 -2.92 -3.96 6.40
C LEU A 9 -1.89 -5.00 5.97
N SER A 10 -1.72 -5.14 4.67
CA SER A 10 -0.74 -6.06 4.11
C SER A 10 -0.29 -5.60 2.73
N ARG A 11 1.02 -5.41 2.59
CA ARG A 11 1.59 -5.00 1.32
C ARG A 11 1.71 -6.19 0.37
N ASN A 12 2.27 -7.26 0.93
CA ASN A 12 2.52 -8.51 0.21
C ASN A 12 3.29 -8.31 -1.09
N TYR A 13 2.54 -8.08 -2.16
CA TYR A 13 3.10 -7.97 -3.50
C TYR A 13 1.97 -7.72 -4.48
N GLY A 14 0.89 -8.41 -4.23
CA GLY A 14 -0.31 -8.24 -5.01
C GLY A 14 -1.09 -9.53 -5.09
N LYS A 15 -2.26 -9.48 -5.72
CA LYS A 15 -3.10 -10.67 -5.85
C LYS A 15 -2.41 -11.71 -6.71
N GLY A 16 -2.37 -11.43 -8.00
CA GLY A 16 -1.62 -12.27 -8.90
C GLY A 16 -2.26 -12.44 -10.25
N SER A 17 -1.71 -11.73 -11.23
CA SER A 17 -2.06 -11.99 -12.63
C SER A 17 -0.99 -11.46 -13.56
N GLY A 18 -0.90 -10.16 -13.70
CA GLY A 18 0.07 -9.57 -14.57
C GLY A 18 0.28 -8.10 -14.30
N SER A 19 0.66 -7.80 -13.05
CA SER A 19 0.95 -6.44 -12.59
C SER A 19 -0.20 -5.44 -12.87
N PHE A 20 0.08 -4.16 -12.62
CA PHE A 20 -0.89 -3.08 -12.72
C PHE A 20 -0.23 -1.81 -12.23
N THR A 21 0.41 -1.95 -11.09
CA THR A 21 1.19 -0.88 -10.46
C THR A 21 0.30 0.14 -9.77
N ASN A 22 0.29 0.02 -8.46
CA ASN A 22 -0.33 0.98 -7.57
C ASN A 22 0.65 1.22 -6.45
N TYR A 23 0.29 2.01 -5.46
CA TYR A 23 1.18 2.22 -4.33
C TYR A 23 0.72 1.43 -3.13
N TYR A 24 1.61 1.25 -2.18
CA TYR A 24 1.32 0.63 -0.91
C TYR A 24 2.24 1.27 0.12
N TYR A 25 1.86 1.23 1.38
CA TYR A 25 2.69 1.83 2.40
C TYR A 25 3.70 0.81 2.93
N ASP A 26 4.97 1.15 2.80
CA ASP A 26 6.06 0.28 3.20
C ASP A 26 6.58 0.69 4.57
N LYS A 27 6.51 -0.21 5.54
CA LYS A 27 7.00 0.08 6.88
C LYS A 27 8.44 -0.38 7.09
N ALA A 28 9.21 -0.47 6.02
CA ALA A 28 10.63 -0.74 6.14
C ALA A 28 11.37 0.57 6.03
N THR A 29 10.72 1.53 5.39
CA THR A 29 11.25 2.88 5.25
C THR A 29 10.20 3.90 5.70
N SER A 30 9.04 3.38 6.12
CA SER A 30 7.94 4.19 6.63
C SER A 30 7.43 5.20 5.60
N SER A 31 7.24 4.75 4.36
CA SER A 31 6.69 5.60 3.31
C SER A 31 5.98 4.75 2.26
N CYS A 32 5.32 5.41 1.34
CA CYS A 32 4.51 4.72 0.32
C CYS A 32 5.36 4.40 -0.91
N LYS A 33 5.38 3.13 -1.27
CA LYS A 33 6.10 2.64 -2.44
C LYS A 33 5.12 2.02 -3.40
N THR A 34 5.55 1.66 -4.59
CA THR A 34 4.65 1.04 -5.56
C THR A 34 4.82 -0.46 -5.61
N PHE A 35 3.82 -1.10 -6.19
CA PHE A 35 3.76 -2.53 -6.27
C PHE A 35 2.84 -2.90 -7.40
N ARG A 36 3.00 -4.11 -7.88
CA ARG A 36 2.34 -4.57 -9.06
C ARG A 36 0.84 -4.70 -8.85
N TYR A 37 0.46 -4.89 -7.59
CA TYR A 37 -0.95 -5.06 -7.19
C TYR A 37 -1.52 -6.40 -7.66
N ARG A 38 -1.04 -6.85 -8.82
CA ARG A 38 -1.40 -8.14 -9.38
C ARG A 38 -0.16 -8.99 -9.56
N GLY A 39 0.59 -9.15 -8.48
CA GLY A 39 1.84 -9.89 -8.54
C GLY A 39 1.66 -11.37 -8.25
N SER A 40 1.75 -11.74 -6.98
CA SER A 40 1.69 -13.14 -6.59
C SER A 40 1.59 -13.27 -5.07
N GLY A 41 0.36 -13.34 -4.56
CA GLY A 41 0.17 -13.53 -3.14
C GLY A 41 -1.23 -13.15 -2.68
N GLY A 42 -1.33 -12.64 -1.47
CA GLY A 42 -2.61 -12.25 -0.94
C GLY A 42 -2.89 -10.78 -1.16
N ASN A 43 -2.32 -9.95 -0.28
CA ASN A 43 -2.47 -8.49 -0.36
C ASN A 43 -3.88 -8.03 -0.03
N GLY A 44 -3.96 -7.03 0.83
CA GLY A 44 -5.24 -6.44 1.16
C GLY A 44 -5.16 -4.93 1.23
N ASN A 45 -4.12 -4.37 0.61
CA ASN A 45 -3.88 -2.93 0.64
C ASN A 45 -3.48 -2.42 -0.74
N ARG A 46 -4.16 -1.37 -1.18
CA ARG A 46 -3.86 -0.76 -2.47
C ARG A 46 -4.11 0.75 -2.42
N PHE A 47 -3.12 1.51 -2.85
CA PHE A 47 -3.22 2.95 -2.94
C PHE A 47 -2.98 3.38 -4.39
N LYS A 48 -3.69 4.40 -4.85
CA LYS A 48 -3.54 4.85 -6.22
C LYS A 48 -2.39 5.85 -6.34
N THR A 49 -2.36 6.81 -5.42
CA THR A 49 -1.29 7.78 -5.38
C THR A 49 -0.63 7.77 -4.00
N LEU A 50 0.66 8.07 -3.96
CA LEU A 50 1.38 8.06 -2.70
C LEU A 50 1.01 9.29 -1.89
N GLU A 51 0.58 10.33 -2.57
CA GLU A 51 0.12 11.54 -1.89
C GLU A 51 -1.14 11.23 -1.07
N ASP A 52 -1.95 10.34 -1.60
CA ASP A 52 -3.15 9.84 -0.92
C ASP A 52 -2.73 8.97 0.25
N CYS A 53 -1.90 8.00 -0.08
CA CYS A 53 -1.34 7.07 0.89
C CYS A 53 -0.63 7.81 2.03
N GLU A 54 0.22 8.77 1.68
CA GLU A 54 1.00 9.49 2.68
C GLU A 54 0.13 10.42 3.47
N ALA A 55 -0.92 10.91 2.83
CA ALA A 55 -1.83 11.79 3.50
C ALA A 55 -2.35 11.09 4.75
N THR A 56 -3.12 10.05 4.54
CA THR A 56 -3.74 9.33 5.65
C THR A 56 -2.71 8.62 6.53
N CYS A 57 -1.85 7.83 5.91
CA CYS A 57 -1.04 6.86 6.66
C CYS A 57 0.23 7.52 7.21
N VAL A 58 0.82 8.41 6.43
CA VAL A 58 2.08 9.02 6.83
C VAL A 58 1.88 10.16 7.84
N THR A 59 0.78 10.91 7.76
CA THR A 59 0.58 11.97 8.72
C THR A 59 0.04 11.45 10.04
N ALA A 60 -1.06 10.73 9.96
CA ALA A 60 -1.73 10.23 11.16
C ALA A 60 -0.97 9.08 11.79
N GLU A 61 -0.28 8.32 10.95
CA GLU A 61 0.53 7.17 11.39
C GLU A 61 -0.27 6.23 12.27
N PRO A 1 0.01 8.71 15.79
CA PRO A 1 0.70 7.69 16.61
C PRO A 1 -0.24 6.53 16.97
N ALA A 2 -1.45 6.54 16.43
CA ALA A 2 -2.42 5.47 16.64
C ALA A 2 -3.55 5.61 15.63
N GLN A 3 -3.27 5.22 14.40
CA GLN A 3 -4.21 5.42 13.31
C GLN A 3 -5.21 4.29 13.21
N ASP A 4 -4.81 3.24 12.52
CA ASP A 4 -5.69 2.13 12.19
C ASP A 4 -4.92 1.08 11.43
N TYR A 5 -5.61 0.08 10.93
CA TYR A 5 -4.98 -0.94 10.12
C TYR A 5 -5.00 -0.53 8.65
N ARG A 6 -5.80 0.48 8.33
CA ARG A 6 -5.84 1.05 6.98
C ARG A 6 -4.53 1.77 6.67
N CYS A 7 -3.71 1.95 7.71
CA CYS A 7 -2.41 2.58 7.57
C CYS A 7 -1.32 1.51 7.58
N GLN A 8 -1.71 0.29 7.23
CA GLN A 8 -0.78 -0.83 7.15
C GLN A 8 -1.33 -1.93 6.22
N LEU A 9 -2.29 -2.71 6.74
CA LEU A 9 -2.93 -3.78 5.96
C LEU A 9 -1.90 -4.71 5.32
N SER A 10 -2.31 -5.40 4.25
CA SER A 10 -1.41 -6.31 3.58
C SER A 10 -0.88 -5.72 2.28
N ARG A 11 0.45 -5.63 2.21
CA ARG A 11 1.13 -5.23 0.98
C ARG A 11 1.38 -6.47 0.13
N ASN A 12 1.55 -7.58 0.84
CA ASN A 12 1.83 -8.89 0.28
C ASN A 12 3.11 -8.85 -0.56
N TYR A 13 2.94 -8.77 -1.87
CA TYR A 13 4.05 -8.78 -2.81
C TYR A 13 3.49 -8.68 -4.20
N GLY A 14 2.64 -9.62 -4.50
CA GLY A 14 1.95 -9.64 -5.76
C GLY A 14 2.85 -9.86 -6.95
N LYS A 15 2.94 -11.11 -7.40
CA LYS A 15 3.76 -11.45 -8.56
C LYS A 15 3.30 -10.67 -9.76
N GLY A 16 2.05 -10.89 -10.11
CA GLY A 16 1.44 -10.14 -11.18
C GLY A 16 0.72 -11.02 -12.17
N SER A 17 -0.58 -11.15 -11.99
CA SER A 17 -1.42 -11.87 -12.93
C SER A 17 -1.84 -10.93 -14.06
N GLY A 18 -2.14 -9.71 -13.68
CA GLY A 18 -2.46 -8.69 -14.66
C GLY A 18 -1.48 -7.52 -14.60
N SER A 19 -0.90 -7.31 -13.42
CA SER A 19 0.04 -6.21 -13.14
C SER A 19 -0.51 -4.83 -13.54
N PHE A 20 -0.75 -4.01 -12.53
CA PHE A 20 -1.38 -2.71 -12.71
C PHE A 20 -0.46 -1.60 -12.26
N THR A 21 0.14 -1.83 -11.10
CA THR A 21 1.01 -0.87 -10.44
C THR A 21 0.20 0.19 -9.71
N ASN A 22 0.15 0.00 -8.41
CA ASN A 22 -0.48 0.93 -7.50
C ASN A 22 0.50 1.16 -6.37
N TYR A 23 0.18 2.05 -5.46
CA TYR A 23 1.05 2.28 -4.32
C TYR A 23 0.59 1.44 -3.14
N TYR A 24 1.51 1.22 -2.21
CA TYR A 24 1.20 0.53 -0.97
C TYR A 24 2.14 1.06 0.11
N TYR A 25 1.64 1.21 1.31
CA TYR A 25 2.47 1.71 2.40
C TYR A 25 3.41 0.61 2.88
N ASP A 26 4.69 0.80 2.62
CA ASP A 26 5.69 -0.21 2.91
C ASP A 26 6.43 0.11 4.20
N LYS A 27 6.44 -0.86 5.11
CA LYS A 27 7.02 -0.68 6.44
C LYS A 27 8.52 -0.96 6.45
N ALA A 28 9.13 -1.09 5.28
CA ALA A 28 10.57 -1.21 5.18
C ALA A 28 11.15 0.10 4.67
N THR A 29 10.27 1.00 4.24
CA THR A 29 10.66 2.32 3.79
C THR A 29 9.90 3.39 4.56
N SER A 30 9.05 2.93 5.50
CA SER A 30 8.29 3.81 6.37
C SER A 30 7.42 4.80 5.60
N SER A 31 6.98 4.41 4.42
CA SER A 31 6.16 5.27 3.57
C SER A 31 5.60 4.49 2.39
N CYS A 32 4.99 5.20 1.46
CA CYS A 32 4.29 4.57 0.35
C CYS A 32 5.24 4.16 -0.78
N LYS A 33 5.15 2.89 -1.14
CA LYS A 33 5.91 2.32 -2.25
C LYS A 33 4.93 1.94 -3.35
N THR A 34 5.37 1.14 -4.30
CA THR A 34 4.47 0.66 -5.35
C THR A 34 4.62 -0.83 -5.59
N PHE A 35 3.62 -1.38 -6.26
CA PHE A 35 3.55 -2.81 -6.53
C PHE A 35 2.59 -3.06 -7.66
N ARG A 36 2.77 -4.18 -8.31
CA ARG A 36 1.98 -4.55 -9.46
C ARG A 36 0.51 -4.70 -9.10
N TYR A 37 0.25 -4.88 -7.80
CA TYR A 37 -1.10 -5.09 -7.27
C TYR A 37 -1.54 -6.53 -7.54
N ARG A 38 -0.73 -7.22 -8.33
CA ARG A 38 -0.98 -8.60 -8.76
C ARG A 38 -2.10 -8.61 -9.79
N GLY A 39 -3.28 -8.24 -9.34
CA GLY A 39 -4.44 -8.24 -10.20
C GLY A 39 -5.53 -9.20 -9.73
N SER A 40 -6.48 -8.68 -8.96
CA SER A 40 -7.69 -9.40 -8.60
C SER A 40 -7.43 -10.62 -7.71
N GLY A 41 -7.60 -10.44 -6.41
CA GLY A 41 -7.56 -11.56 -5.50
C GLY A 41 -6.38 -11.52 -4.55
N GLY A 42 -5.53 -10.52 -4.72
CA GLY A 42 -4.37 -10.39 -3.88
C GLY A 42 -4.00 -8.95 -3.67
N ASN A 43 -3.07 -8.70 -2.75
CA ASN A 43 -2.61 -7.35 -2.43
C ASN A 43 -3.78 -6.48 -2.01
N GLY A 44 -4.18 -6.61 -0.75
CA GLY A 44 -5.36 -5.96 -0.25
C GLY A 44 -5.23 -4.45 -0.15
N ASN A 45 -4.09 -3.98 0.33
CA ASN A 45 -3.92 -2.55 0.58
C ASN A 45 -3.45 -1.83 -0.68
N ARG A 46 -4.41 -1.49 -1.53
CA ARG A 46 -4.13 -0.77 -2.75
C ARG A 46 -4.29 0.74 -2.57
N PHE A 47 -3.25 1.46 -2.89
CA PHE A 47 -3.30 2.92 -2.93
C PHE A 47 -3.07 3.38 -4.36
N LYS A 48 -3.75 4.41 -4.79
CA LYS A 48 -3.66 4.86 -6.18
C LYS A 48 -2.43 5.74 -6.37
N THR A 49 -2.19 6.61 -5.41
CA THR A 49 -1.03 7.48 -5.42
C THR A 49 -0.39 7.51 -4.04
N LEU A 50 0.83 8.01 -3.94
CA LEU A 50 1.50 8.09 -2.65
C LEU A 50 0.97 9.27 -1.87
N GLU A 51 0.56 10.31 -2.58
CA GLU A 51 0.00 11.48 -1.93
C GLU A 51 -1.36 11.15 -1.31
N ASP A 52 -2.07 10.22 -1.92
CA ASP A 52 -3.32 9.70 -1.36
C ASP A 52 -3.00 8.79 -0.18
N CYS A 53 -2.10 7.86 -0.45
CA CYS A 53 -1.61 6.93 0.54
C CYS A 53 -1.06 7.66 1.78
N GLU A 54 -0.21 8.65 1.55
CA GLU A 54 0.39 9.39 2.64
C GLU A 54 -0.64 10.28 3.29
N ALA A 55 -1.63 10.69 2.53
CA ALA A 55 -2.65 11.55 3.06
C ALA A 55 -3.26 10.90 4.29
N THR A 56 -3.89 9.77 4.09
CA THR A 56 -4.53 9.05 5.19
C THR A 56 -3.50 8.51 6.19
N CYS A 57 -2.52 7.78 5.69
CA CYS A 57 -1.63 7.00 6.54
C CYS A 57 -0.57 7.87 7.20
N VAL A 58 0.02 8.80 6.45
CA VAL A 58 1.11 9.60 6.96
C VAL A 58 0.61 10.73 7.89
N THR A 59 -0.57 11.30 7.63
CA THR A 59 -1.07 12.35 8.53
C THR A 59 -1.45 11.75 9.87
N ALA A 60 -2.12 10.62 9.82
CA ALA A 60 -2.51 9.89 11.00
C ALA A 60 -1.29 9.40 11.79
N GLU A 61 -0.20 9.17 11.06
CA GLU A 61 1.07 8.74 11.64
C GLU A 61 0.94 7.40 12.37
N PRO A 1 0.83 5.92 17.03
CA PRO A 1 1.32 4.91 16.07
C PRO A 1 0.18 4.32 15.27
N ALA A 2 0.03 4.77 14.01
CA ALA A 2 -1.01 4.31 13.11
C ALA A 2 -2.41 4.65 13.62
N GLN A 3 -2.98 5.69 13.02
CA GLN A 3 -4.32 6.13 13.37
C GLN A 3 -5.33 5.02 13.16
N ASP A 4 -5.20 4.39 12.02
CA ASP A 4 -6.06 3.28 11.64
C ASP A 4 -5.23 2.22 10.92
N TYR A 5 -5.81 1.04 10.81
CA TYR A 5 -5.12 -0.12 10.27
C TYR A 5 -4.83 0.03 8.78
N ARG A 6 -5.44 1.02 8.13
CA ARG A 6 -5.14 1.31 6.74
C ARG A 6 -3.73 1.87 6.60
N CYS A 7 -3.12 2.19 7.74
CA CYS A 7 -1.75 2.68 7.78
C CYS A 7 -0.80 1.52 8.12
N GLN A 8 -1.36 0.32 8.19
CA GLN A 8 -0.56 -0.87 8.47
C GLN A 8 -1.11 -2.10 7.74
N LEU A 9 -1.88 -2.93 8.44
CA LEU A 9 -2.36 -4.20 7.91
C LEU A 9 -1.25 -4.98 7.22
N SER A 10 -1.29 -4.97 5.90
CA SER A 10 -0.31 -5.65 5.08
C SER A 10 -0.19 -4.94 3.73
N ARG A 11 0.94 -5.13 3.08
CA ARG A 11 1.26 -4.40 1.85
C ARG A 11 0.72 -5.08 0.61
N ASN A 12 0.51 -6.39 0.73
CA ASN A 12 0.02 -7.20 -0.37
C ASN A 12 -1.46 -6.92 -0.65
N TYR A 13 -2.05 -7.82 -1.40
CA TYR A 13 -3.46 -7.79 -1.74
C TYR A 13 -3.84 -9.15 -2.28
N GLY A 14 -2.92 -9.68 -3.06
CA GLY A 14 -3.08 -10.99 -3.64
C GLY A 14 -2.46 -11.04 -5.00
N LYS A 15 -3.25 -11.38 -6.00
CA LYS A 15 -2.80 -11.30 -7.37
C LYS A 15 -3.56 -10.18 -8.08
N GLY A 16 -4.61 -10.53 -8.76
CA GLY A 16 -5.45 -9.50 -9.33
C GLY A 16 -5.53 -9.56 -10.83
N SER A 17 -4.61 -8.86 -11.48
CA SER A 17 -4.65 -8.72 -12.92
C SER A 17 -3.43 -9.34 -13.58
N GLY A 18 -2.41 -8.54 -13.76
CA GLY A 18 -1.18 -8.99 -14.37
C GLY A 18 0.00 -8.15 -13.96
N SER A 19 0.07 -6.96 -14.50
CA SER A 19 1.04 -5.98 -14.07
C SER A 19 0.59 -4.57 -14.41
N PHE A 20 0.53 -3.75 -13.38
CA PHE A 20 0.24 -2.34 -13.51
C PHE A 20 1.17 -1.60 -12.56
N THR A 21 0.76 -0.46 -12.07
CA THR A 21 1.57 0.24 -11.09
C THR A 21 0.68 0.97 -10.10
N ASN A 22 0.49 0.36 -8.96
CA ASN A 22 -0.19 0.98 -7.84
C ASN A 22 0.85 1.15 -6.75
N TYR A 23 0.51 1.81 -5.69
CA TYR A 23 1.48 2.08 -4.65
C TYR A 23 1.17 1.22 -3.43
N TYR A 24 2.16 1.03 -2.57
CA TYR A 24 1.96 0.32 -1.32
C TYR A 24 2.90 0.86 -0.27
N TYR A 25 2.43 0.97 0.95
CA TYR A 25 3.22 1.57 2.02
C TYR A 25 4.17 0.55 2.65
N ASP A 26 5.43 0.91 2.71
CA ASP A 26 6.44 0.06 3.34
C ASP A 26 6.88 0.66 4.66
N LYS A 27 6.55 -0.03 5.74
CA LYS A 27 6.84 0.46 7.08
C LYS A 27 8.26 0.12 7.53
N ALA A 28 9.13 -0.15 6.57
CA ALA A 28 10.53 -0.37 6.87
C ALA A 28 11.32 0.90 6.63
N THR A 29 10.73 1.80 5.86
CA THR A 29 11.33 3.09 5.58
C THR A 29 10.34 4.22 5.85
N SER A 30 9.09 3.83 6.12
CA SER A 30 8.01 4.76 6.47
C SER A 30 7.61 5.61 5.26
N SER A 31 7.32 4.96 4.14
CA SER A 31 6.85 5.66 2.96
C SER A 31 6.16 4.69 2.00
N CYS A 32 5.70 5.22 0.88
CA CYS A 32 4.91 4.44 -0.06
C CYS A 32 5.72 4.12 -1.31
N LYS A 33 5.83 2.84 -1.61
CA LYS A 33 6.52 2.36 -2.80
C LYS A 33 5.48 1.98 -3.84
N THR A 34 5.91 1.29 -4.88
CA THR A 34 4.99 0.88 -5.92
C THR A 34 5.09 -0.60 -6.21
N PHE A 35 4.13 -1.10 -6.96
CA PHE A 35 4.05 -2.52 -7.28
C PHE A 35 3.02 -2.72 -8.36
N ARG A 36 3.12 -3.85 -9.02
CA ARG A 36 2.28 -4.18 -10.13
C ARG A 36 0.86 -4.48 -9.67
N TYR A 37 0.73 -4.59 -8.35
CA TYR A 37 -0.53 -4.93 -7.67
C TYR A 37 -0.82 -6.41 -7.77
N ARG A 38 -0.48 -7.00 -8.90
CA ARG A 38 -0.58 -8.43 -9.10
C ARG A 38 0.66 -9.07 -8.48
N GLY A 39 0.74 -8.95 -7.17
CA GLY A 39 1.88 -9.48 -6.43
C GLY A 39 2.06 -10.97 -6.61
N SER A 40 1.20 -11.76 -5.96
CA SER A 40 1.31 -13.20 -5.99
C SER A 40 0.17 -13.83 -5.22
N GLY A 41 0.28 -13.74 -3.92
CA GLY A 41 -0.75 -14.26 -3.06
C GLY A 41 -0.68 -13.63 -1.68
N GLY A 42 -1.82 -13.24 -1.16
CA GLY A 42 -1.86 -12.60 0.13
C GLY A 42 -3.10 -11.74 0.30
N ASN A 43 -2.94 -10.61 0.98
CA ASN A 43 -4.05 -9.71 1.23
C ASN A 43 -3.52 -8.36 1.70
N GLY A 44 -4.36 -7.33 1.66
CA GLY A 44 -3.94 -6.01 2.07
C GLY A 44 -4.81 -4.92 1.47
N ASN A 45 -4.19 -3.93 0.86
CA ASN A 45 -4.92 -2.81 0.28
C ASN A 45 -4.14 -2.19 -0.88
N ARG A 46 -4.85 -1.74 -1.90
CA ARG A 46 -4.23 -1.09 -3.03
C ARG A 46 -4.22 0.42 -2.84
N PHE A 47 -3.07 1.04 -3.03
CA PHE A 47 -2.97 2.49 -2.99
C PHE A 47 -2.84 3.01 -4.41
N LYS A 48 -3.73 3.92 -4.76
CA LYS A 48 -3.83 4.41 -6.13
C LYS A 48 -2.72 5.40 -6.41
N THR A 49 -2.43 6.21 -5.42
CA THR A 49 -1.33 7.16 -5.48
C THR A 49 -0.57 7.15 -4.16
N LEU A 50 0.69 7.59 -4.17
CA LEU A 50 1.47 7.62 -2.95
C LEU A 50 1.06 8.82 -2.13
N GLU A 51 0.56 9.83 -2.81
CA GLU A 51 0.06 11.03 -2.13
C GLU A 51 -1.15 10.68 -1.27
N ASP A 52 -1.94 9.73 -1.75
CA ASP A 52 -3.08 9.21 -1.01
C ASP A 52 -2.58 8.34 0.13
N CYS A 53 -1.72 7.42 -0.24
CA CYS A 53 -1.08 6.51 0.71
C CYS A 53 -0.37 7.27 1.83
N GLU A 54 0.41 8.29 1.46
CA GLU A 54 1.16 9.06 2.44
C GLU A 54 0.25 9.97 3.22
N ALA A 55 -0.82 10.42 2.58
CA ALA A 55 -1.74 11.31 3.24
C ALA A 55 -2.20 10.67 4.53
N THR A 56 -2.94 9.60 4.42
CA THR A 56 -3.51 8.95 5.58
C THR A 56 -2.42 8.40 6.51
N CYS A 57 -1.46 7.68 5.95
CA CYS A 57 -0.55 6.89 6.76
C CYS A 57 0.64 7.71 7.24
N VAL A 58 1.24 8.49 6.33
CA VAL A 58 2.44 9.25 6.66
C VAL A 58 2.12 10.40 7.62
N THR A 59 0.94 11.01 7.52
CA THR A 59 0.60 12.09 8.45
C THR A 59 0.29 11.52 9.83
N ALA A 60 -0.54 10.49 9.85
CA ALA A 60 -0.92 9.82 11.08
C ALA A 60 0.27 9.24 11.82
N GLU A 61 1.18 8.62 11.06
CA GLU A 61 2.36 7.97 11.60
C GLU A 61 1.99 6.76 12.47
N PRO A 1 -1.61 0.93 17.86
CA PRO A 1 -2.16 1.66 16.71
C PRO A 1 -2.71 3.00 17.16
N ALA A 2 -2.81 3.95 16.23
CA ALA A 2 -3.27 5.28 16.55
C ALA A 2 -4.61 5.57 15.86
N GLN A 3 -4.62 5.45 14.54
CA GLN A 3 -5.81 5.73 13.75
C GLN A 3 -6.67 4.49 13.64
N ASP A 4 -6.21 3.57 12.80
CA ASP A 4 -6.95 2.38 12.45
C ASP A 4 -5.99 1.33 11.92
N TYR A 5 -6.49 0.38 11.16
CA TYR A 5 -5.65 -0.64 10.55
C TYR A 5 -5.14 -0.15 9.20
N ARG A 6 -5.81 0.88 8.68
CA ARG A 6 -5.55 1.41 7.34
C ARG A 6 -4.18 2.09 7.23
N CYS A 7 -3.45 2.22 8.33
CA CYS A 7 -2.12 2.81 8.29
C CYS A 7 -1.07 1.77 8.66
N GLN A 8 -1.51 0.54 8.86
CA GLN A 8 -0.60 -0.57 9.09
C GLN A 8 -0.83 -1.62 8.02
N LEU A 9 -1.96 -2.31 8.09
CA LEU A 9 -2.39 -3.23 7.04
C LEU A 9 -1.32 -4.26 6.69
N SER A 10 -1.47 -4.87 5.53
CA SER A 10 -0.49 -5.79 5.00
C SER A 10 -0.23 -5.45 3.53
N ARG A 11 1.04 -5.28 3.19
CA ARG A 11 1.41 -5.06 1.79
C ARG A 11 1.49 -6.41 1.09
N ASN A 12 1.99 -6.40 -0.13
CA ASN A 12 2.09 -7.62 -0.91
C ASN A 12 3.34 -7.57 -1.78
N TYR A 13 3.68 -8.72 -2.31
CA TYR A 13 4.97 -8.92 -2.96
C TYR A 13 4.81 -9.48 -4.37
N GLY A 14 3.59 -9.91 -4.65
CA GLY A 14 3.28 -10.49 -5.94
C GLY A 14 3.74 -9.64 -7.11
N LYS A 15 4.34 -10.30 -8.09
CA LYS A 15 4.93 -9.62 -9.24
C LYS A 15 3.87 -8.92 -10.06
N GLY A 16 2.98 -9.71 -10.60
CA GLY A 16 1.92 -9.18 -11.42
C GLY A 16 1.47 -10.14 -12.49
N SER A 17 0.20 -10.01 -12.87
CA SER A 17 -0.35 -10.84 -13.93
C SER A 17 -1.05 -9.97 -14.97
N GLY A 18 -1.81 -9.00 -14.48
CA GLY A 18 -2.38 -7.99 -15.34
C GLY A 18 -1.63 -6.68 -15.20
N SER A 19 -1.05 -6.48 -14.01
CA SER A 19 -0.22 -5.32 -13.67
C SER A 19 -0.93 -3.98 -13.85
N PHE A 20 -1.15 -3.31 -12.73
CA PHE A 20 -1.82 -2.03 -12.69
C PHE A 20 -0.86 -0.93 -12.23
N THR A 21 -0.03 -1.30 -11.28
CA THR A 21 0.92 -0.39 -10.64
C THR A 21 0.18 0.59 -9.76
N ASN A 22 0.05 0.20 -8.52
CA ASN A 22 -0.59 0.99 -7.50
C ASN A 22 0.39 1.09 -6.35
N TYR A 23 0.06 1.85 -5.34
CA TYR A 23 1.00 2.06 -4.26
C TYR A 23 0.61 1.22 -3.05
N TYR A 24 1.54 1.09 -2.12
CA TYR A 24 1.31 0.39 -0.87
C TYR A 24 2.22 0.99 0.19
N TYR A 25 1.71 1.13 1.40
CA TYR A 25 2.52 1.67 2.47
C TYR A 25 3.36 0.56 3.10
N ASP A 26 4.66 0.78 3.07
CA ASP A 26 5.62 -0.20 3.53
C ASP A 26 6.30 0.29 4.81
N LYS A 27 6.09 -0.43 5.90
CA LYS A 27 6.63 -0.02 7.20
C LYS A 27 8.12 -0.35 7.34
N ALA A 28 8.74 -0.84 6.27
CA ALA A 28 10.17 -1.09 6.30
C ALA A 28 10.90 0.11 5.72
N THR A 29 10.13 0.97 5.08
CA THR A 29 10.64 2.21 4.55
C THR A 29 9.87 3.40 5.14
N SER A 30 8.86 3.06 5.95
CA SER A 30 8.01 4.03 6.64
C SER A 30 7.35 5.01 5.68
N SER A 31 6.93 4.51 4.52
CA SER A 31 6.28 5.34 3.52
C SER A 31 5.64 4.47 2.44
N CYS A 32 5.16 5.12 1.39
CA CYS A 32 4.39 4.44 0.36
C CYS A 32 5.27 4.14 -0.86
N LYS A 33 5.25 2.89 -1.30
CA LYS A 33 5.97 2.49 -2.49
C LYS A 33 4.96 1.95 -3.50
N THR A 34 5.43 1.36 -4.57
CA THR A 34 4.52 0.84 -5.59
C THR A 34 4.68 -0.64 -5.83
N PHE A 35 3.73 -1.18 -6.59
CA PHE A 35 3.69 -2.58 -6.94
C PHE A 35 2.62 -2.75 -7.99
N ARG A 36 2.78 -3.74 -8.81
CA ARG A 36 1.92 -3.97 -9.94
C ARG A 36 0.49 -4.27 -9.51
N TYR A 37 0.35 -4.63 -8.23
CA TYR A 37 -0.94 -5.00 -7.64
C TYR A 37 -1.40 -6.38 -8.15
N ARG A 38 -0.69 -6.87 -9.16
CA ARG A 38 -0.98 -8.14 -9.84
C ARG A 38 -2.21 -8.02 -10.71
N GLY A 39 -3.31 -7.62 -10.11
CA GLY A 39 -4.58 -7.53 -10.81
C GLY A 39 -5.61 -8.45 -10.21
N SER A 40 -5.37 -9.74 -10.34
CA SER A 40 -6.24 -10.74 -9.76
C SER A 40 -5.61 -11.25 -8.46
N GLY A 41 -5.35 -10.33 -7.55
CA GLY A 41 -4.71 -10.65 -6.30
C GLY A 41 -4.49 -9.42 -5.44
N GLY A 42 -3.41 -9.41 -4.68
CA GLY A 42 -3.12 -8.26 -3.83
C GLY A 42 -3.70 -8.43 -2.44
N ASN A 43 -2.88 -8.93 -1.51
CA ASN A 43 -3.35 -9.22 -0.17
C ASN A 43 -3.15 -8.03 0.77
N GLY A 44 -3.84 -6.96 0.46
CA GLY A 44 -3.76 -5.75 1.26
C GLY A 44 -4.67 -4.67 0.74
N ASN A 45 -4.40 -3.43 1.12
CA ASN A 45 -5.22 -2.32 0.66
C ASN A 45 -4.52 -1.60 -0.48
N ARG A 46 -5.12 -1.72 -1.65
CA ARG A 46 -4.58 -1.10 -2.86
C ARG A 46 -4.69 0.42 -2.79
N PHE A 47 -3.56 1.08 -3.01
CA PHE A 47 -3.51 2.54 -3.00
C PHE A 47 -3.29 3.05 -4.41
N LYS A 48 -3.99 4.10 -4.77
CA LYS A 48 -3.93 4.62 -6.12
C LYS A 48 -2.63 5.34 -6.34
N THR A 49 -2.38 6.29 -5.45
CA THR A 49 -1.16 7.08 -5.49
C THR A 49 -0.54 7.15 -4.11
N LEU A 50 0.70 7.62 -4.01
CA LEU A 50 1.36 7.72 -2.73
C LEU A 50 0.81 8.90 -1.97
N GLU A 51 0.38 9.91 -2.70
CA GLU A 51 -0.24 11.08 -2.09
C GLU A 51 -1.55 10.73 -1.39
N ASP A 52 -2.23 9.74 -1.95
CA ASP A 52 -3.44 9.16 -1.35
C ASP A 52 -3.05 8.30 -0.15
N CYS A 53 -2.16 7.39 -0.41
CA CYS A 53 -1.59 6.50 0.60
C CYS A 53 -1.02 7.29 1.79
N GLU A 54 -0.26 8.33 1.50
CA GLU A 54 0.38 9.12 2.53
C GLU A 54 -0.62 10.01 3.22
N ALA A 55 -1.66 10.39 2.50
CA ALA A 55 -2.67 11.24 3.08
C ALA A 55 -3.21 10.58 4.32
N THR A 56 -3.88 9.47 4.12
CA THR A 56 -4.51 8.75 5.21
C THR A 56 -3.49 8.32 6.27
N CYS A 57 -2.46 7.60 5.84
CA CYS A 57 -1.56 6.94 6.78
C CYS A 57 -0.51 7.92 7.31
N VAL A 58 0.26 8.50 6.41
CA VAL A 58 1.39 9.34 6.80
C VAL A 58 0.97 10.53 7.66
N THR A 59 -0.22 11.10 7.44
CA THR A 59 -0.63 12.23 8.26
C THR A 59 -1.13 11.77 9.61
N ALA A 60 -2.02 10.79 9.59
CA ALA A 60 -2.66 10.31 10.82
C ALA A 60 -1.74 9.43 11.67
N GLU A 61 -0.49 9.23 11.20
CA GLU A 61 0.52 8.46 11.93
C GLU A 61 0.46 8.70 13.43
N PRO A 1 -5.95 6.00 18.02
CA PRO A 1 -5.28 7.14 17.38
C PRO A 1 -4.69 6.75 16.02
N ALA A 2 -5.56 6.55 15.04
CA ALA A 2 -5.16 6.22 13.68
C ALA A 2 -6.37 6.30 12.76
N GLN A 3 -6.16 6.14 11.46
CA GLN A 3 -7.27 6.12 10.52
C GLN A 3 -8.00 4.80 10.61
N ASP A 4 -7.41 3.80 10.00
CA ASP A 4 -7.98 2.47 9.92
C ASP A 4 -6.83 1.48 9.77
N TYR A 5 -7.07 0.39 9.09
CA TYR A 5 -6.01 -0.55 8.78
C TYR A 5 -5.39 -0.23 7.44
N ARG A 6 -6.00 0.68 6.69
CA ARG A 6 -5.54 1.00 5.34
C ARG A 6 -4.08 1.48 5.32
N CYS A 7 -3.60 2.01 6.43
CA CYS A 7 -2.22 2.47 6.53
C CYS A 7 -1.28 1.33 6.92
N GLN A 8 -1.74 0.51 7.84
CA GLN A 8 -0.90 -0.55 8.42
C GLN A 8 -0.98 -1.84 7.61
N LEU A 9 -2.12 -2.07 6.97
CA LEU A 9 -2.24 -3.17 6.01
C LEU A 9 -1.29 -2.94 4.87
N SER A 10 -1.62 -1.89 4.11
CA SER A 10 -0.81 -1.39 3.00
C SER A 10 -0.52 -2.49 1.96
N ARG A 11 0.59 -3.17 2.13
CA ARG A 11 0.94 -4.29 1.31
C ARG A 11 0.33 -5.57 1.89
N ASN A 12 0.96 -6.71 1.64
CA ASN A 12 0.50 -7.96 2.21
C ASN A 12 1.62 -8.99 2.21
N TYR A 13 1.63 -9.85 1.21
CA TYR A 13 2.60 -10.93 1.09
C TYR A 13 2.21 -11.78 -0.09
N GLY A 14 0.91 -12.04 -0.17
CA GLY A 14 0.34 -12.74 -1.30
C GLY A 14 0.54 -11.99 -2.59
N LYS A 15 0.24 -12.65 -3.70
CA LYS A 15 0.60 -12.13 -5.02
C LYS A 15 -0.25 -10.94 -5.41
N GLY A 16 -1.40 -11.24 -5.99
CA GLY A 16 -2.30 -10.20 -6.44
C GLY A 16 -3.16 -10.67 -7.59
N SER A 17 -3.42 -9.77 -8.53
CA SER A 17 -4.23 -10.10 -9.70
C SER A 17 -3.36 -10.21 -10.96
N GLY A 18 -3.17 -9.09 -11.62
CA GLY A 18 -2.35 -9.05 -12.82
C GLY A 18 -1.26 -8.02 -12.72
N SER A 19 -1.55 -6.80 -13.15
CA SER A 19 -0.63 -5.69 -13.01
C SER A 19 -1.31 -4.37 -13.33
N PHE A 20 -1.37 -3.52 -12.33
CA PHE A 20 -1.98 -2.20 -12.45
C PHE A 20 -0.93 -1.12 -12.29
N THR A 21 0.05 -1.42 -11.45
CA THR A 21 1.08 -0.48 -11.05
C THR A 21 0.47 0.65 -10.24
N ASN A 22 0.29 0.36 -8.98
CA ASN A 22 -0.22 1.33 -8.03
C ASN A 22 0.79 1.41 -6.91
N TYR A 23 0.56 2.26 -5.95
CA TYR A 23 1.47 2.39 -4.84
C TYR A 23 1.00 1.55 -3.65
N TYR A 24 1.91 1.28 -2.75
CA TYR A 24 1.59 0.67 -1.48
C TYR A 24 2.56 1.19 -0.44
N TYR A 25 2.09 1.34 0.78
CA TYR A 25 2.97 1.82 1.84
C TYR A 25 3.92 0.72 2.28
N ASP A 26 5.20 0.99 2.17
CA ASP A 26 6.23 0.06 2.54
C ASP A 26 6.83 0.48 3.87
N LYS A 27 6.56 -0.31 4.91
CA LYS A 27 7.07 -0.02 6.24
C LYS A 27 8.54 -0.39 6.42
N ALA A 28 9.24 -0.60 5.32
CA ALA A 28 10.68 -0.83 5.37
C ALA A 28 11.40 0.46 5.00
N THR A 29 10.66 1.35 4.35
CA THR A 29 11.17 2.66 4.00
C THR A 29 10.31 3.74 4.66
N SER A 30 9.21 3.29 5.26
CA SER A 30 8.28 4.14 6.00
C SER A 30 7.59 5.13 5.05
N SER A 31 7.41 4.72 3.80
CA SER A 31 6.76 5.56 2.80
C SER A 31 6.06 4.70 1.76
N CYS A 32 5.42 5.33 0.79
CA CYS A 32 4.62 4.61 -0.20
C CYS A 32 5.38 4.45 -1.52
N LYS A 33 5.49 3.22 -1.99
CA LYS A 33 6.18 2.90 -3.24
C LYS A 33 5.26 2.03 -4.10
N THR A 34 5.58 1.93 -5.38
CA THR A 34 4.69 1.28 -6.33
C THR A 34 4.93 -0.21 -6.48
N PHE A 35 3.97 -0.85 -7.14
CA PHE A 35 4.01 -2.28 -7.41
C PHE A 35 2.88 -2.62 -8.36
N ARG A 36 2.99 -3.78 -8.97
CA ARG A 36 2.03 -4.25 -9.95
C ARG A 36 0.73 -4.64 -9.27
N TYR A 37 0.83 -4.77 -7.95
CA TYR A 37 -0.23 -5.26 -7.08
C TYR A 37 -0.26 -6.78 -7.10
N ARG A 38 0.52 -7.36 -8.00
CA ARG A 38 0.71 -8.79 -8.09
C ARG A 38 2.15 -9.10 -7.72
N GLY A 39 2.40 -9.06 -6.43
CA GLY A 39 3.71 -9.39 -5.90
C GLY A 39 3.64 -9.66 -4.41
N SER A 40 3.64 -8.59 -3.63
CA SER A 40 3.54 -8.69 -2.20
C SER A 40 2.36 -7.87 -1.67
N GLY A 41 1.22 -7.97 -2.35
CA GLY A 41 0.08 -7.16 -1.97
C GLY A 41 -1.22 -7.71 -2.49
N GLY A 42 -1.30 -9.02 -2.62
CA GLY A 42 -2.51 -9.67 -3.09
C GLY A 42 -3.74 -9.28 -2.29
N ASN A 43 -3.59 -9.27 -0.98
CA ASN A 43 -4.66 -8.83 -0.08
C ASN A 43 -4.25 -7.55 0.62
N GLY A 44 -3.75 -6.61 -0.16
CA GLY A 44 -3.34 -5.33 0.38
C GLY A 44 -4.41 -4.28 0.18
N ASN A 45 -4.08 -3.04 0.50
CA ASN A 45 -5.06 -1.95 0.39
C ASN A 45 -5.04 -1.38 -1.02
N ARG A 46 -3.84 -1.32 -1.61
CA ARG A 46 -3.64 -0.78 -2.96
C ARG A 46 -3.93 0.73 -3.01
N PHE A 47 -2.92 1.49 -3.37
CA PHE A 47 -3.02 2.95 -3.39
C PHE A 47 -2.72 3.49 -4.77
N LYS A 48 -3.75 3.96 -5.46
CA LYS A 48 -3.62 4.54 -6.79
C LYS A 48 -2.48 5.54 -6.86
N THR A 49 -2.42 6.44 -5.90
CA THR A 49 -1.34 7.41 -5.81
C THR A 49 -0.67 7.36 -4.44
N LEU A 50 0.57 7.81 -4.37
CA LEU A 50 1.30 7.85 -3.11
C LEU A 50 0.89 9.08 -2.35
N GLU A 51 0.43 10.09 -3.07
CA GLU A 51 -0.09 11.29 -2.42
C GLU A 51 -1.35 10.97 -1.64
N ASP A 52 -2.10 10.00 -2.13
CA ASP A 52 -3.27 9.49 -1.43
C ASP A 52 -2.82 8.62 -0.27
N CYS A 53 -1.90 7.72 -0.59
CA CYS A 53 -1.31 6.82 0.40
C CYS A 53 -0.67 7.60 1.54
N GLU A 54 0.15 8.59 1.20
CA GLU A 54 0.85 9.38 2.19
C GLU A 54 -0.12 10.23 2.98
N ALA A 55 -1.20 10.64 2.34
CA ALA A 55 -2.19 11.43 3.00
C ALA A 55 -2.68 10.70 4.24
N THR A 56 -3.39 9.60 4.01
CA THR A 56 -3.95 8.84 5.11
C THR A 56 -2.86 8.18 5.97
N CYS A 57 -1.89 7.54 5.33
CA CYS A 57 -0.97 6.65 6.04
C CYS A 57 0.21 7.42 6.62
N VAL A 58 0.76 8.35 5.86
CA VAL A 58 1.94 9.08 6.30
C VAL A 58 1.60 10.15 7.35
N THR A 59 0.39 10.72 7.31
CA THR A 59 0.06 11.73 8.30
C THR A 59 -0.50 11.12 9.57
N ALA A 60 -1.55 10.31 9.42
CA ALA A 60 -2.23 9.71 10.57
C ALA A 60 -1.41 8.57 11.16
N GLU A 61 -0.74 7.83 10.29
CA GLU A 61 0.14 6.72 10.68
C GLU A 61 -0.53 5.72 11.62
N PRO A 1 -2.31 7.28 21.39
CA PRO A 1 -1.95 6.09 20.59
C PRO A 1 -2.11 6.37 19.11
N ALA A 2 -1.87 5.37 18.28
CA ALA A 2 -1.98 5.53 16.84
C ALA A 2 -3.44 5.42 16.38
N GLN A 3 -3.66 5.45 15.07
CA GLN A 3 -4.98 5.34 14.53
C GLN A 3 -5.49 3.90 14.52
N ASP A 4 -5.46 3.28 13.35
CA ASP A 4 -5.95 1.92 13.15
C ASP A 4 -4.91 1.12 12.35
N TYR A 5 -5.37 0.26 11.45
CA TYR A 5 -4.45 -0.49 10.60
C TYR A 5 -4.04 0.33 9.38
N ARG A 6 -4.75 1.40 9.12
CA ARG A 6 -4.60 2.17 7.89
C ARG A 6 -3.27 2.91 7.77
N CYS A 7 -2.42 2.81 8.79
CA CYS A 7 -1.08 3.39 8.70
C CYS A 7 -0.02 2.33 9.04
N GLN A 8 -0.39 1.07 8.91
CA GLN A 8 0.54 -0.05 9.06
C GLN A 8 0.25 -1.08 7.98
N LEU A 9 -1.03 -1.43 7.87
CA LEU A 9 -1.57 -2.10 6.69
C LEU A 9 -0.92 -3.43 6.37
N SER A 10 -1.25 -3.93 5.19
CA SER A 10 -0.80 -5.22 4.74
C SER A 10 -0.54 -5.19 3.24
N ARG A 11 0.64 -5.63 2.84
CA ARG A 11 0.97 -5.75 1.44
C ARG A 11 0.80 -7.20 1.01
N ASN A 12 1.24 -7.51 -0.21
CA ASN A 12 1.10 -8.84 -0.77
C ASN A 12 1.89 -8.93 -2.08
N TYR A 13 1.20 -8.71 -3.19
CA TYR A 13 1.80 -8.66 -4.51
C TYR A 13 0.71 -8.36 -5.51
N GLY A 14 -0.42 -9.03 -5.34
CA GLY A 14 -1.59 -8.72 -6.12
C GLY A 14 -2.36 -9.94 -6.55
N LYS A 15 -3.53 -9.72 -7.15
CA LYS A 15 -4.39 -10.81 -7.61
C LYS A 15 -3.77 -11.52 -8.79
N GLY A 16 -3.69 -10.77 -9.86
CA GLY A 16 -3.23 -11.31 -11.12
C GLY A 16 -4.07 -10.78 -12.27
N SER A 17 -4.84 -9.74 -12.00
CA SER A 17 -5.79 -9.20 -12.95
C SER A 17 -5.11 -8.43 -14.08
N GLY A 18 -4.10 -7.68 -13.74
CA GLY A 18 -3.43 -6.87 -14.70
C GLY A 18 -2.28 -6.12 -14.08
N SER A 19 -1.07 -6.58 -14.35
CA SER A 19 0.13 -5.96 -13.82
C SER A 19 0.23 -4.49 -14.24
N PHE A 20 0.16 -3.65 -13.24
CA PHE A 20 0.23 -2.21 -13.42
C PHE A 20 1.31 -1.69 -12.48
N THR A 21 1.11 -0.49 -11.95
CA THR A 21 2.01 0.00 -10.93
C THR A 21 1.23 0.86 -9.94
N ASN A 22 0.78 0.20 -8.90
CA ASN A 22 0.10 0.86 -7.81
C ASN A 22 1.04 0.87 -6.63
N TYR A 23 0.68 1.57 -5.59
CA TYR A 23 1.54 1.68 -4.44
C TYR A 23 1.04 0.78 -3.31
N TYR A 24 1.93 0.47 -2.39
CA TYR A 24 1.60 -0.27 -1.20
C TYR A 24 2.50 0.21 -0.07
N TYR A 25 2.00 0.24 1.15
CA TYR A 25 2.77 0.77 2.26
C TYR A 25 3.77 -0.25 2.79
N ASP A 26 5.01 0.20 2.94
CA ASP A 26 6.10 -0.64 3.40
C ASP A 26 6.90 0.08 4.49
N LYS A 27 7.13 -0.59 5.60
CA LYS A 27 7.88 -0.01 6.70
C LYS A 27 9.38 -0.32 6.62
N ALA A 28 9.86 -0.69 5.45
CA ALA A 28 11.30 -0.79 5.23
C ALA A 28 11.77 0.52 4.61
N THR A 29 10.85 1.19 3.93
CA THR A 29 11.09 2.52 3.40
C THR A 29 10.33 3.54 4.25
N SER A 30 9.52 3.01 5.18
CA SER A 30 8.75 3.82 6.12
C SER A 30 7.73 4.71 5.44
N SER A 31 7.32 4.30 4.24
CA SER A 31 6.30 5.02 3.47
C SER A 31 5.70 4.06 2.45
N CYS A 32 5.10 4.59 1.40
CA CYS A 32 4.50 3.73 0.38
C CYS A 32 5.45 3.47 -0.79
N LYS A 33 5.60 2.21 -1.13
CA LYS A 33 6.37 1.77 -2.28
C LYS A 33 5.37 1.34 -3.35
N THR A 34 5.82 0.61 -4.37
CA THR A 34 4.94 0.24 -5.47
C THR A 34 4.92 -1.25 -5.72
N PHE A 35 4.00 -1.67 -6.60
CA PHE A 35 3.82 -3.06 -6.95
C PHE A 35 2.86 -3.15 -8.12
N ARG A 36 2.88 -4.28 -8.77
CA ARG A 36 2.13 -4.51 -9.98
C ARG A 36 0.64 -4.63 -9.70
N TYR A 37 0.32 -4.95 -8.45
CA TYR A 37 -1.05 -5.28 -8.04
C TYR A 37 -1.49 -6.62 -8.65
N ARG A 38 -0.54 -7.24 -9.33
CA ARG A 38 -0.73 -8.49 -10.01
C ARG A 38 0.38 -9.44 -9.62
N GLY A 39 0.12 -10.23 -8.61
CA GLY A 39 1.06 -11.26 -8.21
C GLY A 39 0.55 -12.64 -8.54
N SER A 40 0.21 -13.39 -7.50
CA SER A 40 -0.23 -14.76 -7.67
C SER A 40 -1.40 -15.06 -6.72
N GLY A 41 -2.08 -14.02 -6.30
CA GLY A 41 -3.23 -14.20 -5.43
C GLY A 41 -3.06 -13.46 -4.12
N GLY A 42 -3.87 -12.44 -3.91
CA GLY A 42 -3.78 -11.66 -2.70
C GLY A 42 -4.12 -10.21 -2.94
N ASN A 43 -4.08 -9.41 -1.89
CA ASN A 43 -4.43 -8.00 -1.96
C ASN A 43 -3.58 -7.20 -1.00
N GLY A 44 -2.94 -6.16 -1.52
CA GLY A 44 -2.13 -5.30 -0.68
C GLY A 44 -2.77 -3.94 -0.48
N ASN A 45 -4.09 -3.95 -0.34
CA ASN A 45 -4.89 -2.73 -0.16
C ASN A 45 -4.98 -1.92 -1.45
N ARG A 46 -3.84 -1.78 -2.13
CA ARG A 46 -3.73 -1.06 -3.41
C ARG A 46 -3.89 0.44 -3.21
N PHE A 47 -2.83 1.15 -3.54
CA PHE A 47 -2.80 2.58 -3.43
C PHE A 47 -2.47 3.19 -4.78
N LYS A 48 -3.18 4.25 -5.14
CA LYS A 48 -2.97 4.88 -6.44
C LYS A 48 -1.60 5.53 -6.48
N THR A 49 -1.36 6.37 -5.51
CA THR A 49 -0.09 7.05 -5.35
C THR A 49 0.36 6.99 -3.90
N LEU A 50 1.60 7.41 -3.64
CA LEU A 50 2.09 7.44 -2.29
C LEU A 50 1.48 8.62 -1.56
N GLU A 51 1.13 9.66 -2.30
CA GLU A 51 0.55 10.86 -1.70
C GLU A 51 -0.84 10.58 -1.12
N ASP A 52 -1.56 9.67 -1.75
CA ASP A 52 -2.86 9.21 -1.24
C ASP A 52 -2.64 8.33 -0.02
N CYS A 53 -1.75 7.38 -0.21
CA CYS A 53 -1.31 6.48 0.84
C CYS A 53 -0.82 7.24 2.07
N GLU A 54 0.05 8.21 1.85
CA GLU A 54 0.62 9.00 2.93
C GLU A 54 -0.41 9.93 3.49
N ALA A 55 -1.43 10.24 2.70
CA ALA A 55 -2.46 11.12 3.17
C ALA A 55 -3.08 10.51 4.41
N THR A 56 -3.69 9.35 4.26
CA THR A 56 -4.33 8.70 5.39
C THR A 56 -3.33 8.31 6.48
N CYS A 57 -2.28 7.59 6.11
CA CYS A 57 -1.33 7.04 7.07
C CYS A 57 -0.43 8.13 7.65
N VAL A 58 0.32 8.80 6.79
CA VAL A 58 1.36 9.70 7.24
C VAL A 58 0.78 10.89 8.03
N THR A 59 -0.45 11.33 7.74
CA THR A 59 -1.00 12.42 8.53
C THR A 59 -1.52 11.95 9.88
N ALA A 60 -2.33 10.90 9.85
CA ALA A 60 -2.94 10.35 11.06
C ALA A 60 -1.90 9.81 12.03
N GLU A 61 -1.00 8.98 11.51
CA GLU A 61 0.07 8.36 12.29
C GLU A 61 -0.49 7.46 13.40
N PRO A 1 -9.40 8.45 15.28
CA PRO A 1 -9.56 7.50 14.16
C PRO A 1 -8.47 7.70 13.11
N ALA A 2 -7.30 7.15 13.38
CA ALA A 2 -6.15 7.30 12.48
C ALA A 2 -5.10 6.25 12.79
N GLN A 3 -4.35 5.82 11.76
CA GLN A 3 -3.28 4.85 11.91
C GLN A 3 -3.75 3.46 12.33
N ASP A 4 -5.05 3.33 12.60
CA ASP A 4 -5.66 2.08 13.04
C ASP A 4 -5.06 0.84 12.34
N TYR A 5 -5.20 0.76 11.03
CA TYR A 5 -4.53 -0.26 10.24
C TYR A 5 -4.21 0.28 8.85
N ARG A 6 -4.85 1.38 8.50
CA ARG A 6 -4.72 1.97 7.17
C ARG A 6 -3.29 2.50 6.93
N CYS A 7 -2.46 2.38 7.94
CA CYS A 7 -1.08 2.81 7.86
C CYS A 7 -0.13 1.71 8.37
N GLN A 8 -0.70 0.59 8.83
CA GLN A 8 0.12 -0.48 9.40
C GLN A 8 -0.21 -1.86 8.83
N LEU A 9 -1.20 -1.93 7.94
CA LEU A 9 -1.44 -3.15 7.16
C LEU A 9 -0.19 -3.55 6.39
N SER A 10 -0.10 -4.83 6.04
CA SER A 10 1.05 -5.35 5.32
C SER A 10 0.90 -5.10 3.82
N ARG A 11 2.06 -5.00 3.15
CA ARG A 11 2.13 -4.53 1.76
C ARG A 11 1.37 -5.38 0.76
N ASN A 12 1.33 -6.67 1.01
CA ASN A 12 0.68 -7.61 0.11
C ASN A 12 -0.82 -7.35 0.03
N TYR A 13 -1.42 -7.92 -1.00
CA TYR A 13 -2.84 -7.71 -1.31
C TYR A 13 -3.17 -8.31 -2.66
N GLY A 14 -2.47 -7.84 -3.67
CA GLY A 14 -2.73 -8.24 -5.03
C GLY A 14 -2.21 -9.62 -5.36
N LYS A 15 -3.10 -10.46 -5.89
CA LYS A 15 -2.76 -11.83 -6.23
C LYS A 15 -2.22 -11.93 -7.65
N GLY A 16 -3.14 -11.84 -8.58
CA GLY A 16 -2.82 -12.03 -9.98
C GLY A 16 -3.92 -11.50 -10.87
N SER A 17 -3.75 -10.29 -11.35
CA SER A 17 -4.71 -9.68 -12.26
C SER A 17 -4.07 -9.38 -13.60
N GLY A 18 -3.10 -8.50 -13.55
CA GLY A 18 -2.40 -8.09 -14.74
C GLY A 18 -1.42 -7.00 -14.39
N SER A 19 -0.15 -7.36 -14.34
CA SER A 19 0.92 -6.48 -13.91
C SER A 19 0.73 -5.03 -14.36
N PHE A 20 0.55 -4.17 -13.38
CA PHE A 20 0.33 -2.75 -13.59
C PHE A 20 1.38 -1.98 -12.82
N THR A 21 1.02 -0.81 -12.34
CA THR A 21 1.89 -0.06 -11.45
C THR A 21 1.05 0.80 -10.52
N ASN A 22 0.95 0.35 -9.30
CA ASN A 22 0.30 1.09 -8.25
C ASN A 22 1.26 1.16 -7.09
N TYR A 23 0.90 1.88 -6.05
CA TYR A 23 1.81 2.05 -4.93
C TYR A 23 1.42 1.12 -3.79
N TYR A 24 2.36 0.85 -2.91
CA TYR A 24 2.10 0.09 -1.71
C TYR A 24 2.98 0.62 -0.59
N TYR A 25 2.45 0.67 0.61
CA TYR A 25 3.20 1.21 1.73
C TYR A 25 4.03 0.11 2.37
N ASP A 26 5.33 0.28 2.32
CA ASP A 26 6.25 -0.65 2.92
C ASP A 26 6.77 -0.09 4.24
N LYS A 27 6.63 -0.86 5.30
CA LYS A 27 7.00 -0.39 6.63
C LYS A 27 8.49 -0.59 6.91
N ALA A 28 9.23 -1.07 5.92
CA ALA A 28 10.68 -1.17 6.04
C ALA A 28 11.31 0.10 5.50
N THR A 29 10.53 0.85 4.75
CA THR A 29 10.96 2.14 4.24
C THR A 29 10.11 3.26 4.85
N SER A 30 9.06 2.86 5.55
CA SER A 30 8.14 3.78 6.21
C SER A 30 7.53 4.76 5.22
N SER A 31 7.25 4.26 4.02
CA SER A 31 6.64 5.07 2.97
C SER A 31 6.14 4.18 1.84
N CYS A 32 5.60 4.79 0.81
CA CYS A 32 4.99 4.03 -0.27
C CYS A 32 5.91 3.88 -1.48
N LYS A 33 6.06 2.63 -1.90
CA LYS A 33 6.79 2.28 -3.11
C LYS A 33 5.76 1.85 -4.15
N THR A 34 6.20 1.32 -5.27
CA THR A 34 5.27 0.89 -6.30
C THR A 34 5.43 -0.58 -6.60
N PHE A 35 4.42 -1.14 -7.26
CA PHE A 35 4.39 -2.55 -7.55
C PHE A 35 3.34 -2.82 -8.60
N ARG A 36 3.49 -3.97 -9.23
CA ARG A 36 2.63 -4.39 -10.30
C ARG A 36 1.22 -4.67 -9.81
N TYR A 37 1.12 -4.83 -8.49
CA TYR A 37 -0.11 -5.24 -7.80
C TYR A 37 -0.36 -6.74 -7.99
N ARG A 38 0.39 -7.33 -8.89
CA ARG A 38 0.28 -8.74 -9.19
C ARG A 38 1.50 -9.46 -8.63
N GLY A 39 1.54 -9.57 -7.32
CA GLY A 39 2.63 -10.25 -6.66
C GLY A 39 2.30 -11.68 -6.30
N SER A 40 2.12 -11.93 -5.01
CA SER A 40 1.85 -13.26 -4.53
C SER A 40 0.64 -13.29 -3.62
N GLY A 41 -0.29 -12.38 -3.84
CA GLY A 41 -1.50 -12.37 -3.09
C GLY A 41 -1.36 -11.60 -1.79
N GLY A 42 -1.92 -12.14 -0.72
CA GLY A 42 -1.85 -11.50 0.57
C GLY A 42 -3.08 -10.69 0.88
N ASN A 43 -2.99 -9.80 1.85
CA ASN A 43 -4.11 -8.95 2.22
C ASN A 43 -3.61 -7.66 2.86
N GLY A 44 -4.04 -6.54 2.29
CA GLY A 44 -3.61 -5.24 2.75
C GLY A 44 -4.37 -4.14 2.07
N ASN A 45 -3.69 -3.39 1.21
CA ASN A 45 -4.33 -2.30 0.47
C ASN A 45 -3.49 -1.89 -0.73
N ARG A 46 -4.16 -1.62 -1.84
CA ARG A 46 -3.50 -1.13 -3.04
C ARG A 46 -3.63 0.39 -3.12
N PHE A 47 -2.50 1.07 -3.20
CA PHE A 47 -2.51 2.52 -3.23
C PHE A 47 -2.35 3.00 -4.68
N LYS A 48 -3.13 3.98 -5.07
CA LYS A 48 -3.06 4.51 -6.43
C LYS A 48 -1.91 5.48 -6.57
N THR A 49 -1.72 6.29 -5.54
CA THR A 49 -0.63 7.25 -5.51
C THR A 49 0.00 7.24 -4.13
N LEU A 50 1.28 7.59 -4.05
CA LEU A 50 1.96 7.63 -2.77
C LEU A 50 1.47 8.82 -1.99
N GLU A 51 0.97 9.82 -2.69
CA GLU A 51 0.44 11.02 -2.04
C GLU A 51 -0.89 10.71 -1.34
N ASP A 52 -1.65 9.79 -1.91
CA ASP A 52 -2.86 9.27 -1.28
C ASP A 52 -2.48 8.45 -0.05
N CYS A 53 -1.56 7.55 -0.32
CA CYS A 53 -0.97 6.70 0.70
C CYS A 53 -0.40 7.50 1.86
N GLU A 54 0.51 8.42 1.56
CA GLU A 54 1.17 9.21 2.58
C GLU A 54 0.19 10.12 3.26
N ALA A 55 -0.86 10.48 2.53
CA ALA A 55 -1.86 11.34 3.09
C ALA A 55 -2.40 10.71 4.37
N THR A 56 -3.06 9.58 4.23
CA THR A 56 -3.67 8.93 5.37
C THR A 56 -2.64 8.36 6.34
N CYS A 57 -1.61 7.70 5.79
CA CYS A 57 -0.66 6.97 6.61
C CYS A 57 0.38 7.90 7.23
N VAL A 58 1.03 8.71 6.40
CA VAL A 58 2.11 9.56 6.87
C VAL A 58 1.59 10.65 7.83
N THR A 59 0.38 11.17 7.62
CA THR A 59 -0.16 12.13 8.57
C THR A 59 -0.47 11.47 9.90
N ALA A 60 -1.04 10.27 9.80
CA ALA A 60 -1.36 9.46 10.98
C ALA A 60 -0.11 9.10 11.78
N GLU A 61 1.05 9.18 11.13
CA GLU A 61 2.34 8.93 11.76
C GLU A 61 2.48 7.47 12.17
N PRO A 1 -1.70 5.64 18.15
CA PRO A 1 -1.40 6.37 16.91
C PRO A 1 -1.91 5.58 15.71
N ALA A 2 -1.74 6.16 14.51
CA ALA A 2 -2.24 5.57 13.26
C ALA A 2 -3.77 5.60 13.17
N GLN A 3 -4.28 5.75 11.95
CA GLN A 3 -5.73 5.81 11.74
C GLN A 3 -6.39 4.48 12.07
N ASP A 4 -5.92 3.46 11.39
CA ASP A 4 -6.52 2.15 11.42
C ASP A 4 -5.51 1.13 10.94
N TYR A 5 -5.92 -0.10 10.77
CA TYR A 5 -5.04 -1.13 10.23
C TYR A 5 -4.69 -0.79 8.77
N ARG A 6 -5.49 0.06 8.15
CA ARG A 6 -5.22 0.52 6.79
C ARG A 6 -3.95 1.40 6.76
N CYS A 7 -3.44 1.74 7.93
CA CYS A 7 -2.16 2.44 8.04
C CYS A 7 -1.05 1.44 8.40
N GLN A 8 -1.29 0.18 8.05
CA GLN A 8 -0.30 -0.87 8.24
C GLN A 8 -0.62 -2.08 7.39
N LEU A 9 -1.46 -2.99 7.91
CA LEU A 9 -1.84 -4.21 7.21
C LEU A 9 -0.63 -4.99 6.73
N SER A 10 -0.86 -5.89 5.80
CA SER A 10 0.22 -6.60 5.14
C SER A 10 0.27 -6.20 3.68
N ARG A 11 1.43 -5.74 3.23
CA ARG A 11 1.62 -5.39 1.83
C ARG A 11 1.71 -6.65 0.99
N ASN A 12 2.11 -6.47 -0.26
CA ASN A 12 2.20 -7.58 -1.20
C ASN A 12 2.98 -7.12 -2.41
N TYR A 13 2.92 -7.89 -3.47
CA TYR A 13 3.66 -7.58 -4.68
C TYR A 13 2.97 -8.20 -5.85
N GLY A 14 2.95 -9.50 -5.87
CA GLY A 14 2.26 -10.21 -6.89
C GLY A 14 3.04 -10.27 -8.19
N LYS A 15 2.91 -11.39 -8.90
CA LYS A 15 3.54 -11.54 -10.20
C LYS A 15 2.86 -10.61 -11.18
N GLY A 16 1.57 -10.80 -11.27
CA GLY A 16 0.75 -9.90 -12.03
C GLY A 16 0.27 -10.50 -13.33
N SER A 17 -1.02 -10.80 -13.38
CA SER A 17 -1.65 -11.20 -14.63
C SER A 17 -1.71 -9.98 -15.55
N GLY A 18 -2.01 -8.87 -14.92
CA GLY A 18 -1.97 -7.59 -15.57
C GLY A 18 -1.46 -6.56 -14.60
N SER A 19 -0.14 -6.50 -14.46
CA SER A 19 0.51 -5.62 -13.51
C SER A 19 0.02 -4.19 -13.64
N PHE A 20 -0.63 -3.74 -12.59
CA PHE A 20 -1.27 -2.43 -12.56
C PHE A 20 -0.30 -1.41 -12.00
N THR A 21 0.39 -1.84 -10.97
CA THR A 21 1.36 -1.03 -10.26
C THR A 21 0.67 0.13 -9.55
N ASN A 22 0.35 -0.11 -8.31
CA ASN A 22 -0.20 0.89 -7.42
C ASN A 22 0.67 0.90 -6.17
N TYR A 23 0.38 1.77 -5.24
CA TYR A 23 1.22 1.90 -4.08
C TYR A 23 0.72 1.07 -2.91
N TYR A 24 1.63 0.85 -1.99
CA TYR A 24 1.37 0.19 -0.73
C TYR A 24 2.26 0.84 0.32
N TYR A 25 1.79 0.95 1.54
CA TYR A 25 2.60 1.56 2.58
C TYR A 25 3.50 0.51 3.23
N ASP A 26 4.78 0.82 3.30
CA ASP A 26 5.77 -0.09 3.84
C ASP A 26 6.49 0.54 5.02
N LYS A 27 6.28 -0.01 6.22
CA LYS A 27 6.89 0.53 7.42
C LYS A 27 8.30 -0.01 7.65
N ALA A 28 8.95 -0.44 6.58
CA ALA A 28 10.38 -0.74 6.62
C ALA A 28 11.12 0.45 6.04
N THR A 29 10.43 1.19 5.19
CA THR A 29 10.93 2.44 4.66
C THR A 29 10.13 3.60 5.23
N SER A 30 9.14 3.25 6.07
CA SER A 30 8.30 4.23 6.76
C SER A 30 7.55 5.13 5.77
N SER A 31 7.21 4.60 4.61
CA SER A 31 6.52 5.36 3.58
C SER A 31 5.92 4.45 2.51
N CYS A 32 5.29 5.06 1.52
CA CYS A 32 4.56 4.33 0.49
C CYS A 32 5.45 4.02 -0.72
N LYS A 33 5.43 2.76 -1.16
CA LYS A 33 6.11 2.36 -2.39
C LYS A 33 5.09 1.64 -3.26
N THR A 34 5.52 0.98 -4.32
CA THR A 34 4.59 0.41 -5.29
C THR A 34 4.71 -1.10 -5.43
N PHE A 35 3.66 -1.67 -6.03
CA PHE A 35 3.57 -3.11 -6.25
C PHE A 35 2.56 -3.35 -7.36
N ARG A 36 2.68 -4.49 -7.98
CA ARG A 36 1.94 -4.81 -9.18
C ARG A 36 0.44 -4.93 -8.91
N TYR A 37 0.13 -5.22 -7.65
CA TYR A 37 -1.25 -5.40 -7.18
C TYR A 37 -1.84 -6.72 -7.70
N ARG A 38 -1.14 -7.34 -8.65
CA ARG A 38 -1.60 -8.56 -9.34
C ARG A 38 -2.65 -8.25 -10.40
N GLY A 39 -3.65 -7.49 -10.00
CA GLY A 39 -4.75 -7.17 -10.89
C GLY A 39 -5.88 -8.16 -10.72
N SER A 40 -5.56 -9.43 -10.89
CA SER A 40 -6.50 -10.51 -10.66
C SER A 40 -6.38 -10.99 -9.22
N GLY A 41 -6.55 -10.05 -8.31
CA GLY A 41 -6.42 -10.34 -6.90
C GLY A 41 -5.78 -9.19 -6.15
N GLY A 42 -5.18 -9.49 -5.00
CA GLY A 42 -4.50 -8.46 -4.24
C GLY A 42 -4.73 -8.60 -2.74
N ASN A 43 -3.70 -8.36 -1.95
CA ASN A 43 -3.80 -8.46 -0.50
C ASN A 43 -3.64 -7.09 0.13
N GLY A 44 -4.53 -6.76 1.05
CA GLY A 44 -4.45 -5.48 1.73
C GLY A 44 -5.28 -4.42 1.03
N ASN A 45 -4.83 -3.18 1.14
CA ASN A 45 -5.52 -2.06 0.51
C ASN A 45 -4.67 -1.48 -0.61
N ARG A 46 -5.28 -1.28 -1.76
CA ARG A 46 -4.58 -0.73 -2.91
C ARG A 46 -4.57 0.79 -2.84
N PHE A 47 -3.39 1.36 -3.00
CA PHE A 47 -3.24 2.81 -2.97
C PHE A 47 -2.85 3.30 -4.36
N LYS A 48 -3.70 4.10 -4.96
CA LYS A 48 -3.49 4.53 -6.34
C LYS A 48 -2.29 5.47 -6.44
N THR A 49 -2.16 6.32 -5.45
CA THR A 49 -1.05 7.24 -5.38
C THR A 49 -0.41 7.16 -4.00
N LEU A 50 0.82 7.63 -3.88
CA LEU A 50 1.50 7.63 -2.60
C LEU A 50 0.99 8.79 -1.78
N GLU A 51 0.53 9.82 -2.46
CA GLU A 51 -0.06 10.98 -1.78
C GLU A 51 -1.34 10.58 -1.07
N ASP A 52 -2.08 9.68 -1.67
CA ASP A 52 -3.29 9.12 -1.05
C ASP A 52 -2.90 8.24 0.12
N CYS A 53 -1.99 7.31 -0.18
CA CYS A 53 -1.42 6.41 0.80
C CYS A 53 -0.83 7.17 1.99
N GLU A 54 -0.03 8.19 1.70
CA GLU A 54 0.63 8.96 2.74
C GLU A 54 -0.36 9.86 3.43
N ALA A 55 -1.41 10.22 2.72
CA ALA A 55 -2.40 11.09 3.29
C ALA A 55 -2.90 10.47 4.57
N THR A 56 -3.54 9.32 4.44
CA THR A 56 -4.12 8.63 5.59
C THR A 56 -3.04 8.18 6.58
N CYS A 57 -2.06 7.45 6.10
CA CYS A 57 -1.14 6.74 6.99
C CYS A 57 -0.03 7.66 7.51
N VAL A 58 0.51 8.50 6.64
CA VAL A 58 1.64 9.35 7.03
C VAL A 58 1.20 10.48 7.96
N THR A 59 -0.02 10.99 7.81
CA THR A 59 -0.50 12.00 8.76
C THR A 59 -0.77 11.36 10.11
N ALA A 60 -1.38 10.19 10.05
CA ALA A 60 -1.66 9.38 11.22
C ALA A 60 -0.42 9.10 12.05
N GLU A 61 0.64 8.70 11.37
CA GLU A 61 1.91 8.32 12.00
C GLU A 61 1.74 7.12 12.90
N PRO A 1 -2.83 10.90 18.26
CA PRO A 1 -3.94 10.21 17.58
C PRO A 1 -3.42 9.09 16.69
N ALA A 2 -3.83 7.88 16.98
CA ALA A 2 -3.40 6.71 16.21
C ALA A 2 -4.16 6.64 14.89
N GLN A 3 -3.58 5.96 13.92
CA GLN A 3 -4.20 5.83 12.61
C GLN A 3 -5.16 4.64 12.57
N ASP A 4 -4.72 3.56 11.95
CA ASP A 4 -5.52 2.37 11.77
C ASP A 4 -4.67 1.33 11.05
N TYR A 5 -5.30 0.32 10.50
CA TYR A 5 -4.58 -0.67 9.73
C TYR A 5 -4.35 -0.14 8.32
N ARG A 6 -5.17 0.81 7.93
CA ARG A 6 -5.11 1.42 6.59
C ARG A 6 -3.75 2.06 6.31
N CYS A 7 -2.97 2.27 7.37
CA CYS A 7 -1.64 2.84 7.22
C CYS A 7 -0.58 1.75 7.39
N GLN A 8 -0.86 0.76 8.21
CA GLN A 8 0.09 -0.31 8.45
C GLN A 8 -0.23 -1.53 7.60
N LEU A 9 -0.97 -2.50 8.16
CA LEU A 9 -1.34 -3.72 7.45
C LEU A 9 -0.11 -4.35 6.79
N SER A 10 -0.33 -5.10 5.74
CA SER A 10 0.74 -5.66 4.95
C SER A 10 0.48 -5.39 3.48
N ARG A 11 1.54 -5.38 2.68
CA ARG A 11 1.38 -5.38 1.24
C ARG A 11 1.04 -6.81 0.82
N ASN A 12 1.18 -7.13 -0.47
CA ASN A 12 0.87 -8.48 -0.92
C ASN A 12 1.84 -9.48 -0.35
N TYR A 13 1.39 -10.69 -0.30
CA TYR A 13 2.19 -11.79 0.23
C TYR A 13 2.44 -12.80 -0.87
N GLY A 14 1.43 -12.99 -1.69
CA GLY A 14 1.58 -13.75 -2.91
C GLY A 14 1.83 -12.83 -4.08
N LYS A 15 1.55 -13.30 -5.29
CA LYS A 15 1.71 -12.49 -6.46
C LYS A 15 0.37 -12.04 -7.03
N GLY A 16 -0.16 -12.84 -7.94
CA GLY A 16 -1.45 -12.52 -8.54
C GLY A 16 -1.56 -13.09 -9.94
N SER A 17 -1.92 -12.25 -10.90
CA SER A 17 -2.07 -12.69 -12.28
C SER A 17 -0.95 -12.12 -13.16
N GLY A 18 -1.14 -10.92 -13.64
CA GLY A 18 -0.16 -10.28 -14.50
C GLY A 18 0.55 -9.14 -13.82
N SER A 19 0.30 -7.93 -14.29
CA SER A 19 0.99 -6.76 -13.79
C SER A 19 0.24 -5.46 -14.12
N PHE A 20 0.63 -4.41 -13.40
CA PHE A 20 0.07 -3.08 -13.53
C PHE A 20 0.96 -2.17 -12.70
N THR A 21 0.43 -1.06 -12.22
CA THR A 21 1.18 -0.20 -11.32
C THR A 21 0.25 0.59 -10.41
N ASN A 22 0.11 0.09 -9.20
CA ASN A 22 -0.54 0.82 -8.14
C ASN A 22 0.48 0.98 -7.03
N TYR A 23 0.16 1.75 -6.03
CA TYR A 23 1.08 1.98 -4.94
C TYR A 23 0.70 1.10 -3.75
N TYR A 24 1.68 0.82 -2.91
CA TYR A 24 1.47 0.05 -1.70
C TYR A 24 2.42 0.58 -0.64
N TYR A 25 2.04 0.49 0.62
CA TYR A 25 2.83 1.04 1.68
C TYR A 25 3.88 0.06 2.18
N ASP A 26 5.08 0.58 2.41
CA ASP A 26 6.17 -0.20 2.94
C ASP A 26 6.44 0.18 4.39
N LYS A 27 6.31 -0.79 5.28
CA LYS A 27 6.41 -0.56 6.72
C LYS A 27 7.84 -0.34 7.21
N ALA A 28 8.81 -0.29 6.30
CA ALA A 28 10.19 -0.03 6.71
C ALA A 28 10.42 1.47 6.83
N THR A 29 9.51 2.22 6.23
CA THR A 29 9.58 3.67 6.25
C THR A 29 8.18 4.27 6.37
N SER A 30 7.19 3.39 6.47
CA SER A 30 5.78 3.75 6.55
C SER A 30 5.40 4.68 5.40
N SER A 31 5.98 4.44 4.24
CA SER A 31 5.72 5.25 3.06
C SER A 31 5.37 4.35 1.89
N CYS A 32 4.67 4.89 0.91
CA CYS A 32 4.18 4.09 -0.19
C CYS A 32 5.13 4.04 -1.38
N LYS A 33 5.34 2.84 -1.88
CA LYS A 33 6.05 2.63 -3.13
C LYS A 33 5.05 2.03 -4.12
N THR A 34 5.51 1.45 -5.20
CA THR A 34 4.60 0.93 -6.21
C THR A 34 4.75 -0.57 -6.40
N PHE A 35 3.78 -1.16 -7.09
CA PHE A 35 3.73 -2.58 -7.32
C PHE A 35 2.67 -2.87 -8.36
N ARG A 36 2.85 -4.00 -9.00
CA ARG A 36 2.04 -4.38 -10.12
C ARG A 36 0.58 -4.58 -9.73
N TYR A 37 0.35 -4.81 -8.44
CA TYR A 37 -0.98 -5.07 -7.87
C TYR A 37 -1.56 -6.41 -8.32
N ARG A 38 -1.23 -6.78 -9.55
CA ARG A 38 -1.55 -8.09 -10.14
C ARG A 38 -3.06 -8.28 -10.36
N GLY A 39 -3.82 -7.19 -10.30
CA GLY A 39 -5.24 -7.24 -10.59
C GLY A 39 -6.05 -7.85 -9.46
N SER A 40 -5.58 -8.96 -8.93
CA SER A 40 -6.23 -9.66 -7.85
C SER A 40 -5.20 -10.53 -7.14
N GLY A 41 -4.51 -9.94 -6.20
CA GLY A 41 -3.46 -10.64 -5.48
C GLY A 41 -2.68 -9.71 -4.58
N GLY A 42 -2.78 -8.43 -4.86
CA GLY A 42 -2.15 -7.43 -4.04
C GLY A 42 -2.94 -7.20 -2.77
N ASN A 43 -2.80 -8.12 -1.83
CA ASN A 43 -3.54 -8.08 -0.57
C ASN A 43 -2.92 -7.07 0.39
N GLY A 44 -3.02 -5.80 0.02
CA GLY A 44 -2.49 -4.74 0.84
C GLY A 44 -3.23 -3.44 0.63
N ASN A 45 -4.56 -3.55 0.53
CA ASN A 45 -5.47 -2.40 0.36
C ASN A 45 -5.34 -1.78 -1.03
N ARG A 46 -4.10 -1.57 -1.49
CA ARG A 46 -3.80 -0.92 -2.77
C ARG A 46 -4.07 0.58 -2.69
N PHE A 47 -3.11 1.34 -3.19
CA PHE A 47 -3.21 2.79 -3.20
C PHE A 47 -2.93 3.33 -4.60
N LYS A 48 -3.90 4.06 -5.14
CA LYS A 48 -3.81 4.63 -6.47
C LYS A 48 -2.63 5.56 -6.61
N THR A 49 -2.48 6.44 -5.64
CA THR A 49 -1.36 7.37 -5.59
C THR A 49 -0.71 7.35 -4.21
N LEU A 50 0.59 7.65 -4.15
CA LEU A 50 1.30 7.65 -2.88
C LEU A 50 0.88 8.88 -2.08
N GLU A 51 0.48 9.92 -2.78
CA GLU A 51 0.03 11.13 -2.11
C GLU A 51 -1.25 10.86 -1.32
N ASP A 52 -2.10 9.99 -1.85
CA ASP A 52 -3.30 9.55 -1.14
C ASP A 52 -2.91 8.71 0.05
N CYS A 53 -2.05 7.74 -0.24
CA CYS A 53 -1.48 6.87 0.77
C CYS A 53 -0.84 7.65 1.91
N GLU A 54 0.11 8.52 1.55
CA GLU A 54 0.87 9.29 2.52
C GLU A 54 -0.03 10.23 3.26
N ALA A 55 -1.09 10.68 2.61
CA ALA A 55 -2.02 11.57 3.22
C ALA A 55 -2.52 10.95 4.51
N THR A 56 -3.26 9.86 4.38
CA THR A 56 -3.82 9.18 5.53
C THR A 56 -2.73 8.58 6.42
N CYS A 57 -1.82 7.84 5.79
CA CYS A 57 -0.86 7.03 6.54
C CYS A 57 0.26 7.87 7.12
N VAL A 58 0.91 8.68 6.29
CA VAL A 58 2.07 9.43 6.72
C VAL A 58 1.71 10.52 7.73
N THR A 59 0.53 11.13 7.61
CA THR A 59 0.16 12.15 8.59
C THR A 59 -0.13 11.53 9.95
N ALA A 60 -0.94 10.49 9.94
CA ALA A 60 -1.36 9.83 11.18
C ALA A 60 -0.22 9.06 11.83
N GLU A 61 0.77 8.66 11.04
CA GLU A 61 1.96 7.95 11.50
C GLU A 61 1.60 6.57 12.09
#